data_6JHJ
#
_entry.id   6JHJ
#
_cell.length_a   66.808
_cell.length_b   94.606
_cell.length_c   72.442
_cell.angle_alpha   90.00
_cell.angle_beta   90.00
_cell.angle_gamma   90.00
#
_symmetry.space_group_name_H-M   'C 2 2 21'
#
loop_
_entity.id
_entity.type
_entity.pdbx_description
1 polymer LamCAT
2 non-polymer 'CALCIUM ION'
3 water water
#
_entity_poly.entity_id   1
_entity_poly.type   'polypeptide(L)'
_entity_poly.pdbx_seq_one_letter_code
;MQNWTLVWQDEFTNGISSDWVFETGNGNSGWGNNELQYYRRENATVENGNLVITAKRESIGGYNYTSTRMKTQGRKSWKY
GKVEARIAMPSFMGSWPAFWMLGDNISSVGWPACGAIDIMEHVNTEAQTHGTIHWQDHNNTYANYSGSIPVSSVTSYHIY
TIEWDASVIKWFVDGNLYHEASIANGVNGTSEFHNNFFILLNMAIGGNWPGFNIDNNAFPARMLVDYVRVYQKTDLEHHH
HHH
;
_entity_poly.pdbx_strand_id   A
#
# COMPACT_ATOMS: atom_id res chain seq x y z
N ASN A 3 -6.09 4.04 25.40
CA ASN A 3 -5.56 2.80 24.72
C ASN A 3 -6.15 2.55 23.35
N TRP A 4 -5.52 1.62 22.60
CA TRP A 4 -5.97 1.32 21.23
C TRP A 4 -7.20 0.44 21.25
N THR A 5 -8.26 0.83 20.54
CA THR A 5 -9.49 0.00 20.36
C THR A 5 -9.63 -0.43 18.91
N LEU A 6 -9.72 -1.73 18.68
CA LEU A 6 -9.94 -2.25 17.31
C LEU A 6 -11.26 -1.73 16.74
N VAL A 7 -11.24 -1.10 15.57
CA VAL A 7 -12.43 -0.58 14.93
C VAL A 7 -12.75 -1.20 13.61
N TRP A 8 -11.80 -1.92 13.02
CA TRP A 8 -12.09 -2.59 11.72
C TRP A 8 -11.00 -3.62 11.49
N GLN A 9 -11.37 -4.71 10.85
CA GLN A 9 -10.38 -5.69 10.45
C GLN A 9 -10.83 -6.47 9.26
N ASP A 10 -9.88 -7.07 8.53
CA ASP A 10 -10.20 -8.24 7.67
C ASP A 10 -9.16 -9.29 8.01
N GLU A 11 -9.59 -10.41 8.56
CA GLU A 11 -8.69 -11.51 8.92
C GLU A 11 -8.64 -12.52 7.81
N PHE A 12 -9.46 -12.32 6.77
CA PHE A 12 -9.50 -13.19 5.58
C PHE A 12 -9.88 -14.62 5.95
N THR A 13 -10.48 -14.78 7.10
CA THR A 13 -10.70 -16.14 7.59
C THR A 13 -11.85 -16.78 6.80
N ASN A 14 -12.91 -16.02 6.52
CA ASN A 14 -13.99 -16.51 5.66
C ASN A 14 -14.12 -15.68 4.36
N GLY A 15 -13.12 -15.78 3.46
CA GLY A 15 -13.09 -15.02 2.19
C GLY A 15 -12.63 -13.56 2.43
N ILE A 16 -12.73 -12.76 1.38
CA ILE A 16 -12.35 -11.34 1.40
C ILE A 16 -13.60 -10.53 1.80
N SER A 17 -13.42 -9.64 2.75
CA SER A 17 -14.53 -8.77 3.25
C SER A 17 -15.19 -7.99 2.14
N SER A 18 -16.48 -7.75 2.28
CA SER A 18 -17.19 -6.96 1.31
C SER A 18 -16.82 -5.46 1.44
N ASP A 19 -15.92 -5.12 2.36
CA ASP A 19 -15.42 -3.75 2.45
C ASP A 19 -14.35 -3.40 1.45
N TRP A 20 -13.90 -4.38 0.65
CA TRP A 20 -12.93 -4.16 -0.40
C TRP A 20 -13.57 -4.08 -1.76
N VAL A 21 -13.15 -3.12 -2.55
CA VAL A 21 -13.45 -2.92 -3.96
C VAL A 21 -12.18 -3.17 -4.76
N PHE A 22 -12.31 -3.79 -5.95
CA PHE A 22 -11.17 -4.14 -6.77
C PHE A 22 -11.03 -3.28 -7.98
N GLU A 23 -9.82 -2.83 -8.28
CA GLU A 23 -9.60 -2.08 -9.51
C GLU A 23 -9.41 -3.04 -10.68
N THR A 24 -9.68 -2.54 -11.88
CA THR A 24 -9.46 -3.28 -13.11
C THR A 24 -8.60 -2.47 -14.02
N GLY A 25 -7.66 -3.10 -14.71
CA GLY A 25 -6.92 -2.40 -15.76
C GLY A 25 -5.65 -1.76 -15.35
N ASN A 26 -5.08 -1.01 -16.27
CA ASN A 26 -3.81 -0.29 -16.09
C ASN A 26 -3.97 1.17 -15.75
N GLY A 27 -5.19 1.64 -15.57
CA GLY A 27 -5.38 3.00 -15.06
C GLY A 27 -4.93 4.02 -16.08
N ASN A 28 -4.61 5.23 -15.61
CA ASN A 28 -4.10 6.31 -16.48
C ASN A 28 -2.63 6.36 -16.44
N SER A 29 -1.95 6.12 -17.57
CA SER A 29 -0.51 6.11 -17.64
C SER A 29 0.08 5.11 -16.63
N GLY A 30 -0.47 3.92 -16.55
CA GLY A 30 0.02 2.90 -15.62
C GLY A 30 -0.14 3.34 -14.19
N TRP A 31 -1.36 3.67 -13.80
CA TRP A 31 -1.65 4.10 -12.44
C TRP A 31 -0.72 5.25 -12.05
N GLY A 32 -0.42 6.11 -13.02
CA GLY A 32 0.35 7.33 -12.80
C GLY A 32 1.86 7.09 -12.78
N ASN A 33 2.31 5.84 -12.89
CA ASN A 33 3.73 5.50 -12.71
C ASN A 33 4.31 4.68 -13.85
N ASN A 34 3.59 4.57 -14.96
CA ASN A 34 4.02 3.73 -16.10
C ASN A 34 4.14 2.28 -15.67
N GLU A 35 3.32 1.87 -14.71
CA GLU A 35 3.26 0.40 -14.33
C GLU A 35 2.82 -0.44 -15.47
N LEU A 36 3.20 -1.71 -15.50
CA LEU A 36 2.94 -2.55 -16.63
C LEU A 36 1.75 -3.49 -16.48
N GLN A 37 1.20 -3.60 -15.27
CA GLN A 37 0.16 -4.61 -15.00
C GLN A 37 -1.27 -4.15 -15.24
N TYR A 38 -2.14 -5.11 -15.48
CA TYR A 38 -3.59 -4.95 -15.57
C TYR A 38 -4.21 -5.61 -14.36
N TYR A 39 -4.83 -4.80 -13.49
CA TYR A 39 -5.39 -5.33 -12.28
C TYR A 39 -6.72 -6.11 -12.56
N ARG A 40 -6.95 -7.14 -11.79
CA ARG A 40 -8.19 -7.95 -11.87
C ARG A 40 -8.62 -8.42 -10.52
N ARG A 41 -9.89 -8.79 -10.42
CA ARG A 41 -10.39 -9.48 -9.25
C ARG A 41 -9.79 -10.88 -9.14
N GLU A 42 -9.59 -11.58 -10.24
CA GLU A 42 -9.21 -12.96 -10.21
C GLU A 42 -7.84 -13.24 -9.63
N ASN A 43 -6.99 -12.21 -9.54
CA ASN A 43 -5.67 -12.37 -9.01
C ASN A 43 -5.65 -12.35 -7.49
N ALA A 44 -6.82 -12.15 -6.86
CA ALA A 44 -6.96 -12.21 -5.41
C ALA A 44 -7.73 -13.46 -5.03
N THR A 45 -7.20 -14.27 -4.14
CA THR A 45 -7.84 -15.42 -3.63
C THR A 45 -7.54 -15.51 -2.13
N VAL A 46 -8.14 -16.52 -1.49
CA VAL A 46 -7.87 -16.76 -0.04
C VAL A 46 -7.44 -18.17 0.13
N GLU A 47 -6.37 -18.40 0.92
CA GLU A 47 -5.90 -19.77 1.22
C GLU A 47 -5.57 -19.81 2.71
N ASN A 48 -6.27 -20.66 3.42
CA ASN A 48 -6.03 -20.88 4.83
C ASN A 48 -5.93 -19.59 5.64
N GLY A 49 -6.90 -18.71 5.49
CA GLY A 49 -6.96 -17.54 6.39
C GLY A 49 -5.98 -16.44 5.93
N ASN A 50 -5.47 -16.50 4.69
CA ASN A 50 -4.64 -15.46 4.15
C ASN A 50 -5.15 -15.00 2.80
N LEU A 51 -5.15 -13.69 2.56
CA LEU A 51 -5.35 -13.14 1.24
C LEU A 51 -4.14 -13.52 0.43
N VAL A 52 -4.32 -13.88 -0.80
CA VAL A 52 -3.22 -14.21 -1.70
C VAL A 52 -3.41 -13.31 -2.93
N ILE A 53 -2.49 -12.36 -3.16
CA ILE A 53 -2.48 -11.58 -4.40
C ILE A 53 -1.39 -12.23 -5.26
N THR A 54 -1.78 -12.71 -6.44
CA THR A 54 -0.85 -13.39 -7.34
C THR A 54 -0.60 -12.54 -8.58
N ALA A 55 0.65 -12.17 -8.82
CA ALA A 55 1.00 -11.47 -10.04
C ALA A 55 1.31 -12.57 -11.11
N LYS A 56 0.83 -12.39 -12.33
CA LYS A 56 0.99 -13.41 -13.38
C LYS A 56 1.47 -12.80 -14.65
N ARG A 57 2.14 -13.59 -15.49
CA ARG A 57 2.39 -13.23 -16.89
C ARG A 57 1.18 -13.66 -17.63
N GLU A 58 0.30 -12.72 -17.89
CA GLU A 58 -1.00 -13.02 -18.47
C GLU A 58 -1.37 -11.78 -19.27
N SER A 59 -1.95 -11.96 -20.43
CA SER A 59 -2.21 -10.88 -21.35
C SER A 59 -3.71 -10.56 -21.40
N ILE A 60 -4.02 -9.27 -21.31
CA ILE A 60 -5.38 -8.78 -21.34
C ILE A 60 -5.32 -7.30 -21.56
N GLY A 61 -6.14 -6.81 -22.48
CA GLY A 61 -6.33 -5.40 -22.72
C GLY A 61 -5.11 -4.65 -23.23
N GLY A 62 -4.15 -5.38 -23.78
CA GLY A 62 -2.92 -4.78 -24.29
C GLY A 62 -1.77 -4.81 -23.29
N TYR A 63 -1.98 -5.41 -22.12
CA TYR A 63 -0.97 -5.48 -21.09
C TYR A 63 -0.58 -6.94 -20.90
N ASN A 64 0.63 -7.19 -20.35
CA ASN A 64 1.18 -8.53 -20.30
C ASN A 64 1.43 -9.09 -18.96
N TYR A 65 0.96 -8.39 -17.91
CA TYR A 65 1.00 -8.94 -16.56
C TYR A 65 -0.30 -8.56 -15.88
N THR A 66 -0.72 -9.39 -14.95
CA THR A 66 -1.91 -9.10 -14.15
C THR A 66 -1.63 -9.23 -12.68
N SER A 67 -2.42 -8.56 -11.87
CA SER A 67 -2.25 -8.57 -10.44
C SER A 67 -3.52 -7.97 -9.83
N THR A 68 -3.48 -7.64 -8.57
CA THR A 68 -4.69 -7.06 -7.90
C THR A 68 -4.32 -5.76 -7.23
N ARG A 69 -5.30 -4.85 -7.24
CA ARG A 69 -5.23 -3.59 -6.46
C ARG A 69 -6.57 -3.48 -5.82
N MET A 70 -6.65 -3.55 -4.49
CA MET A 70 -7.95 -3.57 -3.81
C MET A 70 -7.95 -2.43 -2.80
N LYS A 71 -9.12 -1.90 -2.47
CA LYS A 71 -9.21 -0.68 -1.66
C LYS A 71 -10.48 -0.66 -0.85
N THR A 72 -10.51 0.06 0.28
CA THR A 72 -11.75 0.18 1.07
C THR A 72 -12.47 1.52 0.73
N GLN A 73 -12.02 2.23 -0.28
CA GLN A 73 -12.63 3.47 -0.75
C GLN A 73 -14.13 3.31 -0.96
N GLY A 74 -14.94 4.20 -0.36
CA GLY A 74 -16.35 4.13 -0.48
C GLY A 74 -17.05 3.21 0.52
N ARG A 75 -16.30 2.49 1.33
CA ARG A 75 -16.85 1.61 2.33
C ARG A 75 -16.31 1.92 3.70
N LYS A 76 -14.97 2.08 3.84
CA LYS A 76 -14.37 2.27 5.14
C LYS A 76 -13.22 3.26 5.01
N SER A 77 -13.20 4.25 5.90
CA SER A 77 -12.10 5.20 5.99
C SER A 77 -12.00 5.71 7.41
N TRP A 78 -10.83 6.21 7.74
CA TRP A 78 -10.51 6.63 9.08
C TRP A 78 -9.63 7.88 9.07
N LYS A 79 -9.82 8.70 10.11
CA LYS A 79 -8.97 9.80 10.41
C LYS A 79 -8.26 9.47 11.70
N TYR A 80 -6.95 9.35 11.63
CA TYR A 80 -6.06 8.93 12.74
C TYR A 80 -6.26 7.47 13.09
N GLY A 81 -5.23 6.86 13.68
CA GLY A 81 -5.37 5.50 14.17
C GLY A 81 -4.07 4.73 14.04
N LYS A 82 -4.16 3.46 14.35
CA LYS A 82 -3.11 2.52 14.20
C LYS A 82 -3.55 1.56 13.08
N VAL A 83 -2.78 1.47 12.00
CA VAL A 83 -3.19 0.74 10.81
C VAL A 83 -2.09 -0.27 10.49
N GLU A 84 -2.42 -1.55 10.39
CA GLU A 84 -1.40 -2.60 10.38
C GLU A 84 -1.80 -3.74 9.52
N ALA A 85 -0.80 -4.42 8.94
CA ALA A 85 -1.03 -5.66 8.21
C ALA A 85 0.19 -6.55 8.38
N ARG A 86 -0.07 -7.85 8.38
CA ARG A 86 0.97 -8.86 8.45
C ARG A 86 1.13 -9.42 7.04
N ILE A 87 2.27 -9.18 6.42
CA ILE A 87 2.47 -9.43 4.99
C ILE A 87 3.76 -10.22 4.73
N ALA A 88 3.67 -11.14 3.79
CA ALA A 88 4.82 -11.84 3.21
C ALA A 88 4.77 -11.56 1.74
N MET A 89 5.83 -11.02 1.14
CA MET A 89 5.79 -10.59 -0.27
C MET A 89 6.91 -11.17 -1.06
N PRO A 90 6.78 -11.18 -2.36
CA PRO A 90 7.82 -11.76 -3.19
C PRO A 90 8.94 -10.77 -3.37
N SER A 91 10.09 -11.23 -3.83
CA SER A 91 11.23 -10.32 -4.02
C SER A 91 11.86 -10.68 -5.32
N PHE A 92 11.67 -9.86 -6.35
CA PHE A 92 12.16 -10.14 -7.71
C PHE A 92 12.22 -8.85 -8.51
N MET A 93 13.03 -8.85 -9.54
CA MET A 93 13.22 -7.61 -10.26
C MET A 93 11.92 -7.25 -11.00
N GLY A 94 11.47 -6.02 -10.80
CA GLY A 94 10.23 -5.54 -11.40
C GLY A 94 9.08 -5.46 -10.41
N SER A 95 9.20 -6.11 -9.25
CA SER A 95 8.06 -6.23 -8.32
C SER A 95 7.90 -4.94 -7.55
N TRP A 96 6.67 -4.63 -7.17
CA TRP A 96 6.39 -3.38 -6.40
C TRP A 96 5.12 -3.57 -5.58
N PRO A 97 5.17 -4.39 -4.51
CA PRO A 97 4.02 -4.55 -3.58
C PRO A 97 3.88 -3.33 -2.67
N ALA A 98 2.68 -3.03 -2.25
CA ALA A 98 2.43 -1.96 -1.36
C ALA A 98 1.21 -2.15 -0.47
N PHE A 99 1.24 -1.50 0.69
CA PHE A 99 0.19 -1.47 1.70
C PHE A 99 0.14 0.01 2.05
N TRP A 100 -0.95 0.69 1.76
CA TRP A 100 -0.96 2.12 1.82
C TRP A 100 -2.33 2.68 1.95
N MET A 101 -2.39 4.00 2.03
CA MET A 101 -3.65 4.74 2.23
C MET A 101 -3.71 5.96 1.33
N LEU A 102 -4.90 6.35 0.93
CA LEU A 102 -5.19 7.58 0.21
C LEU A 102 -6.30 8.38 0.88
N GLY A 103 -6.27 9.68 0.73
CA GLY A 103 -7.33 10.54 1.27
C GLY A 103 -8.64 10.28 0.52
N ASP A 104 -9.71 10.12 1.25
CA ASP A 104 -11.08 10.02 0.69
C ASP A 104 -11.36 11.18 -0.28
N ASN A 105 -10.74 12.34 -0.09
CA ASN A 105 -11.07 13.48 -0.94
C ASN A 105 -10.38 13.41 -2.27
N ILE A 106 -9.74 12.29 -2.62
CA ILE A 106 -9.13 12.18 -3.89
C ILE A 106 -10.18 12.44 -4.99
N SER A 107 -11.42 12.03 -4.75
CA SER A 107 -12.49 12.20 -5.72
C SER A 107 -12.73 13.67 -6.09
N SER A 108 -12.47 14.61 -5.17
CA SER A 108 -12.63 16.04 -5.42
C SER A 108 -11.33 16.81 -5.61
N VAL A 109 -10.19 16.38 -5.02
CA VAL A 109 -8.91 17.12 -5.13
C VAL A 109 -7.83 16.42 -5.96
N GLY A 110 -8.06 15.17 -6.35
CA GLY A 110 -7.05 14.36 -7.05
C GLY A 110 -5.80 13.94 -6.24
N TRP A 111 -4.91 13.15 -6.84
CA TRP A 111 -3.60 12.81 -6.33
C TRP A 111 -2.58 13.83 -6.95
N PRO A 112 -1.60 14.35 -6.20
CA PRO A 112 -1.31 14.01 -4.80
C PRO A 112 -1.91 14.91 -3.75
N ALA A 113 -2.76 15.84 -4.11
CA ALA A 113 -3.34 16.72 -3.09
C ALA A 113 -4.05 15.95 -1.98
N CYS A 114 -4.65 14.81 -2.30
CA CYS A 114 -5.39 14.00 -1.32
C CYS A 114 -4.53 13.45 -0.21
N GLY A 115 -3.23 13.38 -0.47
CA GLY A 115 -2.29 12.72 0.43
C GLY A 115 -2.26 11.21 0.22
N ALA A 116 -1.11 10.61 0.46
CA ALA A 116 -0.98 9.19 0.56
C ALA A 116 -0.07 8.86 1.72
N ILE A 117 -0.38 7.79 2.44
CA ILE A 117 0.50 7.28 3.47
C ILE A 117 0.88 5.88 3.03
N ASP A 118 2.13 5.67 2.59
CA ASP A 118 2.58 4.35 2.25
C ASP A 118 3.10 3.68 3.53
N ILE A 119 2.41 2.66 4.01
CA ILE A 119 2.77 2.00 5.22
C ILE A 119 3.85 0.99 4.97
N MET A 120 3.78 0.37 3.80
CA MET A 120 4.85 -0.53 3.33
C MET A 120 4.95 -0.49 1.83
N GLU A 121 6.15 -0.22 1.32
CA GLU A 121 6.46 -0.47 -0.07
C GLU A 121 7.74 -1.24 -0.15
N HIS A 122 7.87 -2.05 -1.19
CA HIS A 122 9.11 -2.73 -1.47
C HIS A 122 9.28 -2.76 -2.99
N VAL A 123 10.53 -2.68 -3.45
CA VAL A 123 10.78 -2.79 -4.88
C VAL A 123 11.87 -3.80 -5.18
N ASN A 124 11.75 -4.49 -6.31
CA ASN A 124 12.80 -5.35 -6.79
C ASN A 124 13.26 -6.35 -5.76
N THR A 125 14.56 -6.47 -5.49
CA THR A 125 15.05 -7.44 -4.51
C THR A 125 15.72 -6.74 -3.33
N GLU A 126 15.33 -5.50 -3.03
CA GLU A 126 15.96 -4.75 -1.95
C GLU A 126 15.81 -5.46 -0.61
N ALA A 127 16.83 -5.33 0.23
CA ALA A 127 16.80 -5.94 1.58
C ALA A 127 16.34 -4.89 2.57
N GLN A 128 15.24 -4.23 2.23
CA GLN A 128 14.71 -3.10 3.06
C GLN A 128 13.32 -2.80 2.58
N THR A 129 12.48 -2.21 3.43
CA THR A 129 11.16 -1.73 3.02
C THR A 129 11.08 -0.24 3.37
N HIS A 130 10.13 0.46 2.76
CA HIS A 130 10.01 1.91 2.90
C HIS A 130 8.69 2.33 3.42
N GLY A 131 8.66 3.46 4.10
CA GLY A 131 7.49 4.09 4.60
C GLY A 131 7.53 5.54 4.15
N THR A 132 6.45 6.06 3.62
CA THR A 132 6.50 7.38 2.99
C THR A 132 5.16 8.09 3.08
N ILE A 133 5.20 9.44 3.16
CA ILE A 133 4.02 10.23 2.90
C ILE A 133 4.23 11.06 1.65
N HIS A 134 3.18 11.24 0.87
CA HIS A 134 3.15 12.02 -0.36
C HIS A 134 2.05 13.03 -0.22
N TRP A 135 2.29 14.26 -0.69
CA TRP A 135 1.28 15.30 -0.60
C TRP A 135 1.63 16.48 -1.47
N GLN A 136 0.80 17.53 -1.43
CA GLN A 136 1.08 18.84 -2.06
C GLN A 136 1.31 19.85 -0.96
N ASP A 137 2.47 20.49 -0.93
CA ASP A 137 2.89 21.31 0.21
C ASP A 137 2.28 22.72 0.19
N HIS A 138 2.74 23.56 1.11
CA HIS A 138 2.24 24.95 1.26
C HIS A 138 2.36 25.71 -0.06
N ASN A 139 3.37 25.40 -0.86
CA ASN A 139 3.53 26.07 -2.20
C ASN A 139 2.86 25.32 -3.31
N ASN A 140 1.98 24.35 -2.97
CA ASN A 140 1.41 23.49 -3.97
C ASN A 140 2.42 22.78 -4.87
N THR A 141 3.49 22.28 -4.27
CA THR A 141 4.45 21.46 -5.01
C THR A 141 4.36 20.06 -4.44
N TYR A 142 4.53 19.11 -5.31
CA TYR A 142 4.54 17.70 -4.90
C TYR A 142 5.63 17.50 -3.88
N ALA A 143 5.32 16.84 -2.77
CA ALA A 143 6.30 16.55 -1.71
C ALA A 143 6.22 15.11 -1.28
N ASN A 144 7.34 14.55 -0.89
CA ASN A 144 7.35 13.19 -0.23
C ASN A 144 8.42 13.19 0.83
N TYR A 145 8.25 12.37 1.86
CA TYR A 145 9.18 12.24 2.95
C TYR A 145 9.18 10.78 3.34
N SER A 146 10.31 10.11 3.18
CA SER A 146 10.40 8.66 3.17
C SER A 146 11.50 8.20 4.13
N GLY A 147 11.31 7.06 4.75
CA GLY A 147 12.33 6.37 5.55
C GLY A 147 12.33 4.88 5.18
N SER A 148 13.33 4.14 5.61
CA SER A 148 13.42 2.75 5.35
C SER A 148 14.05 1.99 6.47
N ILE A 149 13.82 0.68 6.49
CA ILE A 149 14.37 -0.18 7.53
C ILE A 149 14.88 -1.47 6.86
N PRO A 150 16.07 -1.94 7.22
CA PRO A 150 16.55 -3.26 6.65
C PRO A 150 15.62 -4.38 7.04
N VAL A 151 15.31 -5.22 6.07
CA VAL A 151 14.46 -6.36 6.19
C VAL A 151 15.19 -7.44 5.40
N SER A 152 15.74 -8.44 6.09
CA SER A 152 16.55 -9.43 5.34
CA SER A 152 16.55 -9.47 5.41
C SER A 152 15.69 -10.49 4.60
N SER A 153 14.43 -10.65 5.01
CA SER A 153 13.59 -11.60 4.38
C SER A 153 12.15 -11.10 4.22
N VAL A 154 11.92 -10.31 3.16
CA VAL A 154 10.56 -9.76 2.94
C VAL A 154 9.61 -10.83 2.56
N THR A 155 10.13 -12.00 2.10
CA THR A 155 9.33 -13.15 1.75
C THR A 155 8.78 -13.89 2.96
N SER A 156 9.26 -13.56 4.14
CA SER A 156 8.67 -14.09 5.38
C SER A 156 7.65 -13.06 5.91
N TYR A 157 6.76 -13.48 6.77
CA TYR A 157 5.77 -12.53 7.32
C TYR A 157 6.42 -11.54 8.20
N HIS A 158 6.09 -10.26 7.98
CA HIS A 158 6.45 -9.18 8.88
C HIS A 158 5.23 -8.35 9.15
N ILE A 159 5.20 -7.64 10.27
CA ILE A 159 4.08 -6.74 10.61
C ILE A 159 4.44 -5.29 10.28
N TYR A 160 3.67 -4.67 9.41
CA TYR A 160 3.89 -3.30 8.90
C TYR A 160 2.82 -2.42 9.48
N THR A 161 3.22 -1.39 10.20
CA THR A 161 2.30 -0.58 10.99
C THR A 161 2.56 0.90 10.85
N ILE A 162 1.50 1.72 10.96
CA ILE A 162 1.65 3.09 11.28
C ILE A 162 0.84 3.42 12.53
N GLU A 163 1.30 4.38 13.31
CA GLU A 163 0.49 5.06 14.33
C GLU A 163 0.36 6.49 13.85
N TRP A 164 -0.84 6.99 13.72
CA TRP A 164 -1.18 8.28 13.17
C TRP A 164 -2.13 9.05 14.09
N ASP A 165 -1.70 10.22 14.52
CA ASP A 165 -2.52 11.13 15.34
C ASP A 165 -2.37 12.56 14.83
N ALA A 166 -2.99 13.54 15.50
CA ALA A 166 -3.03 14.87 14.98
C ALA A 166 -1.62 15.52 15.03
N SER A 167 -0.67 14.87 15.67
CA SER A 167 0.66 15.41 15.74
C SER A 167 1.66 14.76 14.78
N VAL A 168 1.52 13.46 14.57
CA VAL A 168 2.60 12.69 13.94
C VAL A 168 2.10 11.44 13.30
N ILE A 169 2.85 10.96 12.31
CA ILE A 169 2.70 9.56 11.79
C ILE A 169 4.04 8.86 12.06
N LYS A 170 4.00 7.66 12.61
CA LYS A 170 5.13 6.83 12.94
C LYS A 170 4.99 5.54 12.22
N TRP A 171 6.08 5.02 11.69
CA TRP A 171 6.12 3.76 10.97
C TRP A 171 6.90 2.72 11.71
N PHE A 172 6.42 1.48 11.72
CA PHE A 172 7.11 0.38 12.39
C PHE A 172 7.10 -0.84 11.50
N VAL A 173 8.16 -1.67 11.60
CA VAL A 173 8.12 -3.04 11.10
C VAL A 173 8.45 -3.95 12.30
N ASP A 174 7.58 -4.89 12.61
CA ASP A 174 7.71 -5.79 13.74
C ASP A 174 7.89 -5.02 15.04
N GLY A 175 7.23 -3.89 15.17
CA GLY A 175 7.35 -3.05 16.35
C GLY A 175 8.56 -2.17 16.44
N ASN A 176 9.38 -2.17 15.42
CA ASN A 176 10.63 -1.40 15.41
C ASN A 176 10.36 -0.08 14.66
N LEU A 177 10.43 1.02 15.37
CA LEU A 177 10.18 2.35 14.80
C LEU A 177 11.30 2.74 13.89
N TYR A 178 11.02 3.16 12.66
CA TYR A 178 12.04 3.50 11.70
C TYR A 178 11.84 4.80 10.93
N HIS A 179 10.63 5.35 10.92
CA HIS A 179 10.35 6.62 10.22
C HIS A 179 9.26 7.33 11.00
N GLU A 180 9.22 8.62 10.85
CA GLU A 180 8.26 9.47 11.52
C GLU A 180 8.12 10.75 10.76
N ALA A 181 6.94 11.36 10.77
CA ALA A 181 6.73 12.65 10.11
C ALA A 181 5.74 13.43 10.90
N SER A 182 6.12 14.65 11.21
CA SER A 182 5.20 15.58 11.87
C SER A 182 4.14 16.05 10.90
N ILE A 183 2.88 16.11 11.35
CA ILE A 183 1.80 16.72 10.66
C ILE A 183 1.16 17.80 11.57
N ALA A 184 1.80 18.06 12.69
CA ALA A 184 1.25 19.03 13.69
C ALA A 184 1.09 20.37 12.99
N ASN A 185 -0.08 20.99 13.12
CA ASN A 185 -0.40 22.29 12.54
C ASN A 185 -0.27 22.30 11.01
N GLY A 186 -0.31 21.14 10.39
CA GLY A 186 -0.07 21.14 8.95
C GLY A 186 1.28 21.63 8.51
N VAL A 187 2.30 21.40 9.33
CA VAL A 187 3.63 21.77 9.02
C VAL A 187 4.06 21.22 7.63
N ASN A 188 4.83 22.01 6.88
CA ASN A 188 5.23 21.67 5.51
C ASN A 188 3.99 21.35 4.64
N GLY A 189 2.85 21.93 4.97
CA GLY A 189 1.62 21.87 4.14
C GLY A 189 0.92 20.53 4.22
N THR A 190 1.09 19.82 5.35
CA THR A 190 0.51 18.52 5.58
C THR A 190 -0.92 18.57 6.10
N SER A 191 -1.67 19.63 5.82
CA SER A 191 -3.05 19.74 6.24
C SER A 191 -3.91 18.57 5.89
N GLU A 192 -3.64 17.91 4.74
CA GLU A 192 -4.59 16.92 4.25
C GLU A 192 -4.43 15.59 4.98
N PHE A 193 -3.46 15.46 5.89
CA PHE A 193 -3.35 14.23 6.72
C PHE A 193 -4.25 14.33 7.93
N HIS A 194 -5.07 15.38 7.99
CA HIS A 194 -6.09 15.55 9.02
C HIS A 194 -7.49 15.31 8.47
N ASN A 195 -7.60 14.38 7.52
CA ASN A 195 -8.88 13.99 6.86
C ASN A 195 -8.99 12.46 6.90
N ASN A 196 -10.12 11.87 6.48
CA ASN A 196 -10.23 10.42 6.44
C ASN A 196 -9.45 9.85 5.26
N PHE A 197 -8.83 8.69 5.47
CA PHE A 197 -8.12 7.96 4.44
C PHE A 197 -8.65 6.53 4.42
N PHE A 198 -8.61 5.94 3.24
CA PHE A 198 -8.94 4.53 3.00
C PHE A 198 -7.66 3.72 2.72
N ILE A 199 -7.79 2.39 2.81
CA ILE A 199 -6.64 1.49 2.68
C ILE A 199 -6.61 0.87 1.32
N LEU A 200 -5.41 0.61 0.80
CA LEU A 200 -5.19 -0.12 -0.43
C LEU A 200 -4.12 -1.22 -0.17
N LEU A 201 -4.26 -2.31 -0.91
CA LEU A 201 -3.23 -3.35 -1.05
C LEU A 201 -3.05 -3.58 -2.50
N ASN A 202 -1.83 -3.71 -2.96
CA ASN A 202 -1.59 -4.07 -4.36
C ASN A 202 -0.24 -4.64 -4.57
N MET A 203 -0.04 -5.24 -5.76
CA MET A 203 1.29 -5.52 -6.22
C MET A 203 1.47 -5.13 -7.68
N ALA A 204 2.17 -4.02 -7.95
CA ALA A 204 2.45 -3.57 -9.28
C ALA A 204 3.65 -4.31 -9.88
N ILE A 205 3.73 -4.28 -11.20
CA ILE A 205 4.86 -4.89 -11.96
C ILE A 205 5.47 -3.78 -12.80
N GLY A 206 6.70 -3.38 -12.55
CA GLY A 206 7.35 -2.33 -13.30
C GLY A 206 6.84 -0.97 -12.95
N GLY A 207 7.46 0.07 -13.52
CA GLY A 207 7.08 1.43 -13.10
C GLY A 207 8.28 2.30 -12.88
N ASN A 208 8.06 3.60 -12.66
CA ASN A 208 9.16 4.53 -12.61
C ASN A 208 10.18 4.19 -11.48
N TRP A 209 9.68 3.79 -10.32
CA TRP A 209 10.53 3.42 -9.23
C TRP A 209 11.26 2.10 -9.40
N PRO A 210 10.56 0.98 -9.53
CA PRO A 210 11.28 -0.27 -9.65
C PRO A 210 12.01 -0.42 -10.98
N GLY A 211 11.57 0.30 -12.01
CA GLY A 211 12.13 0.14 -13.32
C GLY A 211 11.42 -0.83 -14.20
N PHE A 212 12.00 -1.09 -15.37
CA PHE A 212 11.39 -1.90 -16.39
C PHE A 212 12.16 -3.17 -16.74
N ASN A 213 13.10 -3.54 -15.89
CA ASN A 213 13.82 -4.80 -16.03
C ASN A 213 12.99 -5.76 -15.18
N ILE A 214 12.24 -6.62 -15.84
CA ILE A 214 11.33 -7.54 -15.15
C ILE A 214 11.90 -8.95 -15.22
N ASP A 215 11.93 -9.65 -14.06
CA ASP A 215 12.34 -11.06 -14.05
C ASP A 215 11.17 -11.87 -14.44
N ASN A 216 11.09 -12.24 -15.73
CA ASN A 216 9.91 -12.97 -16.19
C ASN A 216 9.87 -14.41 -15.66
N ASN A 217 10.97 -14.87 -15.09
CA ASN A 217 10.99 -16.23 -14.53
C ASN A 217 10.56 -16.24 -13.06
N ALA A 218 10.10 -15.10 -12.54
CA ALA A 218 9.65 -15.04 -11.17
C ALA A 218 8.11 -15.16 -11.07
N PHE A 219 7.44 -15.42 -12.17
CA PHE A 219 6.01 -15.51 -12.22
C PHE A 219 5.56 -16.96 -12.33
N PRO A 220 4.48 -17.31 -11.67
CA PRO A 220 3.64 -16.41 -10.87
C PRO A 220 4.23 -16.13 -9.54
N ALA A 221 3.86 -14.98 -8.93
CA ALA A 221 4.47 -14.56 -7.66
C ALA A 221 3.38 -14.23 -6.73
N ARG A 222 3.54 -14.54 -5.46
CA ARG A 222 2.49 -14.34 -4.49
C ARG A 222 2.84 -13.42 -3.38
N MET A 223 1.90 -12.55 -3.02
CA MET A 223 1.96 -11.72 -1.81
C MET A 223 0.89 -12.23 -0.89
N LEU A 224 1.22 -12.60 0.34
CA LEU A 224 0.20 -13.14 1.25
C LEU A 224 0.00 -12.11 2.36
N VAL A 225 -1.25 -11.87 2.72
CA VAL A 225 -1.62 -10.91 3.77
C VAL A 225 -2.49 -11.65 4.81
N ASP A 226 -1.97 -11.86 6.03
CA ASP A 226 -2.63 -12.59 7.05
C ASP A 226 -3.80 -11.81 7.58
N TYR A 227 -3.65 -10.50 7.70
CA TYR A 227 -4.74 -9.62 8.15
C TYR A 227 -4.42 -8.17 7.88
N VAL A 228 -5.46 -7.35 7.98
CA VAL A 228 -5.39 -5.89 7.96
C VAL A 228 -6.26 -5.44 9.17
N ARG A 229 -5.79 -4.55 9.99
CA ARG A 229 -6.50 -4.09 11.18
C ARG A 229 -6.38 -2.61 11.31
N VAL A 230 -7.42 -1.99 11.88
CA VAL A 230 -7.35 -0.58 12.20
C VAL A 230 -7.80 -0.44 13.67
N TYR A 231 -7.03 0.31 14.45
CA TYR A 231 -7.39 0.63 15.83
C TYR A 231 -7.52 2.10 15.93
N GLN A 232 -8.32 2.58 16.90
CA GLN A 232 -8.35 4.04 17.15
C GLN A 232 -8.45 4.24 18.66
N LYS A 233 -8.08 5.42 19.09
CA LYS A 233 -8.21 5.87 20.53
C LYS A 233 -9.55 6.56 20.63
#